data_1QFD
#
_entry.id   1QFD
#
_cell.length_a   1.000
_cell.length_b   1.000
_cell.length_c   1.000
_cell.angle_alpha   90.00
_cell.angle_beta   90.00
_cell.angle_gamma   90.00
#
_symmetry.space_group_name_H-M   'P 1'
#
_entity_poly.entity_id   1
_entity_poly.type   'polypeptide(L)'
_entity_poly.pdbx_seq_one_letter_code
;CIPKWNRCGPKMDGVPCCEPYTCTSDYYGNCS
;
_entity_poly.pdbx_strand_id   A
#
# COMPACT_ATOMS: atom_id res chain seq x y z
N CYS A 1 -7.81 -2.94 3.14
CA CYS A 1 -6.75 -2.51 2.18
C CYS A 1 -6.54 -1.00 2.25
N ILE A 2 -5.61 -0.49 1.48
CA ILE A 2 -5.35 0.99 1.49
C ILE A 2 -5.99 1.63 0.26
N PRO A 3 -6.56 2.79 0.45
CA PRO A 3 -7.20 3.53 -0.67
C PRO A 3 -6.13 4.04 -1.64
N LYS A 4 -6.39 3.94 -2.93
CA LYS A 4 -5.40 4.41 -3.94
C LYS A 4 -4.85 5.81 -3.60
N TRP A 5 -3.65 6.09 -4.05
CA TRP A 5 -3.01 7.43 -3.80
C TRP A 5 -2.77 7.69 -2.30
N ASN A 6 -2.62 6.66 -1.51
CA ASN A 6 -2.36 6.85 -0.05
C ASN A 6 -1.11 6.07 0.37
N ARG A 7 -0.64 6.29 1.57
CA ARG A 7 0.58 5.55 2.03
C ARG A 7 0.27 4.06 2.23
N CYS A 8 1.15 3.20 1.81
CA CYS A 8 0.90 1.73 1.94
C CYS A 8 2.12 1.04 2.57
N GLY A 9 1.90 0.05 3.39
CA GLY A 9 3.03 -0.68 4.04
C GLY A 9 2.56 -2.07 4.48
N PRO A 10 2.51 -2.99 3.54
CA PRO A 10 2.07 -4.38 3.83
C PRO A 10 3.13 -5.15 4.65
N LYS A 11 4.38 -4.80 4.49
CA LYS A 11 5.45 -5.51 5.26
C LYS A 11 5.50 -5.01 6.71
N MET A 12 5.00 -3.82 6.98
CA MET A 12 5.03 -3.29 8.38
C MET A 12 3.65 -3.39 9.05
N ASP A 13 2.58 -3.33 8.28
CA ASP A 13 1.22 -3.40 8.89
C ASP A 13 0.50 -4.70 8.48
N GLY A 14 0.97 -5.36 7.45
CA GLY A 14 0.31 -6.62 6.99
C GLY A 14 -0.89 -6.30 6.08
N VAL A 15 -1.04 -5.06 5.66
CA VAL A 15 -2.18 -4.70 4.77
C VAL A 15 -1.67 -3.89 3.57
N PRO A 16 -1.61 -4.55 2.44
CA PRO A 16 -1.13 -3.90 1.19
C PRO A 16 -2.25 -3.03 0.60
N CYS A 17 -2.00 -2.38 -0.53
CA CYS A 17 -3.08 -1.57 -1.15
C CYS A 17 -4.21 -2.50 -1.62
N CYS A 18 -5.37 -1.97 -1.92
CA CYS A 18 -6.49 -2.86 -2.37
C CYS A 18 -6.07 -3.70 -3.59
N GLU A 19 -6.76 -4.80 -3.83
CA GLU A 19 -6.40 -5.70 -4.97
C GLU A 19 -6.23 -4.95 -6.30
N PRO A 20 -7.17 -4.09 -6.65
CA PRO A 20 -7.06 -3.33 -7.93
C PRO A 20 -5.91 -2.31 -7.87
N TYR A 21 -5.19 -2.22 -6.77
CA TYR A 21 -4.05 -1.25 -6.68
C TYR A 21 -2.78 -1.96 -6.18
N THR A 22 -1.66 -1.27 -6.20
CA THR A 22 -0.39 -1.90 -5.72
C THR A 22 0.43 -0.90 -4.89
N CYS A 23 1.26 -1.40 -4.01
CA CYS A 23 2.10 -0.50 -3.17
C CYS A 23 3.50 -0.39 -3.76
N THR A 24 4.08 0.79 -3.74
CA THR A 24 5.46 0.95 -4.31
C THR A 24 6.52 0.54 -3.29
N SER A 25 6.43 1.04 -2.09
CA SER A 25 7.43 0.68 -1.04
C SER A 25 6.75 -0.11 0.09
N ASP A 26 7.29 -1.27 0.42
CA ASP A 26 6.69 -2.09 1.53
C ASP A 26 6.82 -1.37 2.88
N TYR A 27 7.78 -0.49 3.00
CA TYR A 27 7.97 0.24 4.29
C TYR A 27 7.13 1.53 4.29
N TYR A 28 7.40 2.41 3.35
CA TYR A 28 6.64 3.69 3.28
C TYR A 28 6.66 4.24 1.84
N GLY A 29 5.51 4.40 1.22
CA GLY A 29 5.48 4.94 -0.17
C GLY A 29 4.06 5.40 -0.50
N ASN A 30 3.59 5.10 -1.69
CA ASN A 30 2.21 5.50 -2.09
C ASN A 30 1.57 4.43 -2.99
N CYS A 31 0.32 4.58 -3.31
CA CYS A 31 -0.36 3.57 -4.18
C CYS A 31 -0.91 4.23 -5.45
N SER A 32 -0.81 3.55 -6.57
CA SER A 32 -1.33 4.12 -7.85
C SER A 32 -1.22 3.08 -8.99
N CYS A 1 -8.36 -3.16 2.83
CA CYS A 1 -7.16 -2.81 2.01
C CYS A 1 -6.92 -1.30 2.03
N ILE A 2 -5.86 -0.83 1.42
CA ILE A 2 -5.57 0.62 1.40
C ILE A 2 -6.01 1.24 0.08
N PRO A 3 -6.60 2.41 0.16
CA PRO A 3 -7.07 3.11 -1.06
C PRO A 3 -5.87 3.59 -1.87
N LYS A 4 -6.01 3.69 -3.17
CA LYS A 4 -4.87 4.16 -4.01
C LYS A 4 -4.47 5.59 -3.65
N TRP A 5 -3.30 6.01 -4.07
CA TRP A 5 -2.80 7.39 -3.77
C TRP A 5 -2.79 7.68 -2.26
N ASN A 6 -2.62 6.67 -1.44
CA ASN A 6 -2.59 6.89 0.02
C ASN A 6 -1.33 6.26 0.64
N ARG A 7 -1.08 6.52 1.89
CA ARG A 7 0.13 5.94 2.56
C ARG A 7 0.02 4.41 2.62
N CYS A 8 1.05 3.71 2.22
CA CYS A 8 1.00 2.22 2.26
C CYS A 8 2.11 1.65 3.16
N GLY A 9 1.93 0.45 3.65
CA GLY A 9 2.95 -0.17 4.54
C GLY A 9 2.54 -1.62 4.83
N PRO A 10 2.63 -2.45 3.82
CA PRO A 10 2.26 -3.89 3.97
C PRO A 10 3.29 -4.65 4.82
N LYS A 11 4.53 -4.23 4.79
CA LYS A 11 5.58 -4.93 5.59
C LYS A 11 5.51 -4.48 7.07
N MET A 12 4.83 -3.40 7.36
CA MET A 12 4.72 -2.92 8.78
C MET A 12 3.33 -3.22 9.35
N ASP A 13 2.31 -3.21 8.52
CA ASP A 13 0.93 -3.49 9.03
C ASP A 13 0.42 -4.84 8.54
N GLY A 14 0.98 -5.36 7.47
CA GLY A 14 0.52 -6.67 6.93
C GLY A 14 -0.67 -6.46 5.98
N VAL A 15 -0.87 -5.24 5.51
CA VAL A 15 -2.02 -4.98 4.58
C VAL A 15 -1.54 -4.19 3.36
N PRO A 16 -1.57 -4.84 2.23
CA PRO A 16 -1.15 -4.19 0.97
C PRO A 16 -2.29 -3.31 0.44
N CYS A 17 -2.09 -2.64 -0.67
CA CYS A 17 -3.18 -1.79 -1.24
C CYS A 17 -4.33 -2.69 -1.69
N CYS A 18 -5.48 -2.11 -1.95
CA CYS A 18 -6.65 -2.92 -2.41
C CYS A 18 -6.27 -3.77 -3.64
N GLU A 19 -7.04 -4.79 -3.93
CA GLU A 19 -6.73 -5.68 -5.10
C GLU A 19 -6.53 -4.89 -6.41
N PRO A 20 -7.41 -3.95 -6.68
CA PRO A 20 -7.29 -3.15 -7.93
C PRO A 20 -6.14 -2.12 -7.84
N TYR A 21 -5.32 -2.17 -6.81
CA TYR A 21 -4.20 -1.17 -6.70
C TYR A 21 -2.95 -1.80 -6.08
N THR A 22 -1.81 -1.19 -6.26
CA THR A 22 -0.54 -1.75 -5.69
C THR A 22 0.32 -0.62 -5.10
N CYS A 23 1.17 -0.94 -4.16
CA CYS A 23 2.04 0.10 -3.53
C CYS A 23 3.43 0.11 -4.20
N THR A 24 4.21 1.14 -3.93
CA THR A 24 5.57 1.22 -4.55
C THR A 24 6.59 0.47 -3.69
N SER A 25 6.59 0.69 -2.40
CA SER A 25 7.56 0.00 -1.51
C SER A 25 6.84 -0.80 -0.42
N ASP A 26 7.58 -1.47 0.43
CA ASP A 26 6.95 -2.27 1.53
C ASP A 26 6.96 -1.47 2.84
N TYR A 27 7.99 -0.69 3.07
CA TYR A 27 8.07 0.11 4.32
C TYR A 27 7.28 1.41 4.16
N TYR A 28 7.75 2.29 3.31
CA TYR A 28 7.04 3.59 3.09
C TYR A 28 7.05 3.95 1.60
N GLY A 29 5.91 3.84 0.96
CA GLY A 29 5.84 4.17 -0.50
C GLY A 29 4.51 4.87 -0.78
N ASN A 30 3.95 4.65 -1.95
CA ASN A 30 2.65 5.30 -2.29
C ASN A 30 1.88 4.44 -3.29
N CYS A 31 0.61 4.25 -3.07
CA CYS A 31 -0.21 3.43 -4.00
C CYS A 31 -0.74 4.31 -5.14
N SER A 32 -1.27 3.71 -6.18
CA SER A 32 -1.81 4.53 -7.32
C SER A 32 -2.78 3.69 -8.17
N CYS A 1 -7.92 -3.18 3.03
CA CYS A 1 -6.84 -2.76 2.09
C CYS A 1 -6.61 -1.24 2.19
N ILE A 2 -5.63 -0.74 1.47
CA ILE A 2 -5.35 0.73 1.51
C ILE A 2 -5.99 1.41 0.29
N PRO A 3 -6.44 2.63 0.49
CA PRO A 3 -7.07 3.40 -0.61
C PRO A 3 -6.00 3.84 -1.62
N LYS A 4 -6.29 3.73 -2.89
CA LYS A 4 -5.29 4.14 -3.93
C LYS A 4 -4.86 5.60 -3.73
N TRP A 5 -3.71 5.97 -4.26
CA TRP A 5 -3.20 7.37 -4.13
C TRP A 5 -3.00 7.74 -2.65
N ASN A 6 -2.66 6.79 -1.82
CA ASN A 6 -2.44 7.09 -0.36
C ASN A 6 -1.22 6.30 0.15
N ARG A 7 -0.65 6.73 1.25
CA ARG A 7 0.53 6.01 1.82
C ARG A 7 0.13 4.60 2.25
N CYS A 8 1.00 3.64 2.04
CA CYS A 8 0.67 2.23 2.43
C CYS A 8 1.93 1.50 2.94
N GLY A 9 1.76 0.50 3.76
CA GLY A 9 2.94 -0.24 4.29
C GLY A 9 2.52 -1.66 4.70
N PRO A 10 2.53 -2.56 3.74
CA PRO A 10 2.14 -3.97 4.01
C PRO A 10 3.22 -4.71 4.82
N LYS A 11 4.46 -4.28 4.75
CA LYS A 11 5.53 -4.96 5.54
C LYS A 11 5.45 -4.55 7.01
N MET A 12 4.89 -3.41 7.30
CA MET A 12 4.79 -2.93 8.72
C MET A 12 3.36 -3.08 9.24
N ASP A 13 2.37 -3.07 8.38
CA ASP A 13 0.96 -3.20 8.83
C ASP A 13 0.38 -4.58 8.45
N GLY A 14 1.00 -5.26 7.53
CA GLY A 14 0.49 -6.60 7.12
C GLY A 14 -0.67 -6.44 6.14
N VAL A 15 -0.93 -5.24 5.66
CA VAL A 15 -2.05 -5.03 4.70
C VAL A 15 -1.56 -4.33 3.43
N PRO A 16 -1.67 -5.02 2.32
CA PRO A 16 -1.25 -4.45 1.02
C PRO A 16 -2.36 -3.54 0.46
N CYS A 17 -2.06 -2.75 -0.53
CA CYS A 17 -3.13 -1.88 -1.12
C CYS A 17 -4.25 -2.77 -1.67
N CYS A 18 -5.39 -2.20 -2.00
CA CYS A 18 -6.52 -3.04 -2.52
C CYS A 18 -6.09 -3.80 -3.79
N GLU A 19 -6.79 -4.86 -4.12
CA GLU A 19 -6.43 -5.68 -5.32
C GLU A 19 -6.30 -4.83 -6.59
N PRO A 20 -7.26 -3.95 -6.84
CA PRO A 20 -7.19 -3.10 -8.05
C PRO A 20 -6.07 -2.04 -7.95
N TYR A 21 -5.29 -2.04 -6.89
CA TYR A 21 -4.19 -1.03 -6.77
C TYR A 21 -2.89 -1.69 -6.27
N THR A 22 -1.78 -0.98 -6.32
CA THR A 22 -0.49 -1.56 -5.86
C THR A 22 0.36 -0.49 -5.16
N CYS A 23 1.24 -0.92 -4.28
CA CYS A 23 2.11 0.05 -3.55
C CYS A 23 3.46 0.24 -4.27
N THR A 24 4.25 1.19 -3.82
CA THR A 24 5.57 1.42 -4.45
C THR A 24 6.68 0.73 -3.65
N SER A 25 6.58 0.77 -2.34
CA SER A 25 7.61 0.11 -1.48
C SER A 25 6.93 -0.80 -0.46
N ASP A 26 7.69 -1.34 0.46
CA ASP A 26 7.08 -2.25 1.50
C ASP A 26 6.97 -1.52 2.85
N TYR A 27 8.02 -0.87 3.28
CA TYR A 27 7.97 -0.14 4.59
C TYR A 27 7.31 1.24 4.41
N TYR A 28 7.84 2.03 3.51
CA TYR A 28 7.26 3.39 3.26
C TYR A 28 7.11 3.62 1.76
N GLY A 29 5.90 3.58 1.25
CA GLY A 29 5.67 3.80 -0.20
C GLY A 29 4.24 4.32 -0.44
N ASN A 30 3.92 4.65 -1.67
CA ASN A 30 2.54 5.17 -1.96
C ASN A 30 1.79 4.19 -2.89
N CYS A 31 0.51 4.39 -3.04
CA CYS A 31 -0.30 3.50 -3.92
C CYS A 31 -0.96 4.32 -5.03
N SER A 32 -1.48 3.68 -6.05
CA SER A 32 -2.14 4.43 -7.17
C SER A 32 -3.06 3.50 -7.97
N CYS A 1 -7.81 -3.26 3.06
CA CYS A 1 -6.73 -2.78 2.15
C CYS A 1 -6.66 -1.24 2.15
N ILE A 2 -5.65 -0.69 1.53
CA ILE A 2 -5.53 0.80 1.51
C ILE A 2 -6.02 1.35 0.16
N PRO A 3 -6.71 2.46 0.21
CA PRO A 3 -7.23 3.09 -1.02
C PRO A 3 -6.09 3.67 -1.86
N LYS A 4 -6.30 3.79 -3.14
CA LYS A 4 -5.23 4.35 -4.04
C LYS A 4 -4.86 5.78 -3.62
N TRP A 5 -3.76 6.28 -4.13
CA TRP A 5 -3.32 7.67 -3.79
C TRP A 5 -3.12 7.84 -2.27
N ASN A 6 -2.91 6.76 -1.56
CA ASN A 6 -2.70 6.86 -0.09
C ASN A 6 -1.45 6.08 0.31
N ARG A 7 -0.92 6.34 1.48
CA ARG A 7 0.30 5.61 1.94
C ARG A 7 -0.04 4.18 2.35
N CYS A 8 0.81 3.24 2.06
CA CYS A 8 0.53 1.82 2.45
C CYS A 8 1.81 1.14 2.97
N GLY A 9 1.69 0.39 4.05
CA GLY A 9 2.87 -0.30 4.62
C GLY A 9 2.51 -1.77 4.91
N PRO A 10 2.64 -2.60 3.90
CA PRO A 10 2.33 -4.04 4.05
C PRO A 10 3.37 -4.74 4.93
N LYS A 11 4.60 -4.28 4.92
CA LYS A 11 5.65 -4.92 5.77
C LYS A 11 5.56 -4.37 7.20
N MET A 12 4.91 -3.24 7.39
CA MET A 12 4.78 -2.65 8.75
C MET A 12 3.48 -3.08 9.43
N ASP A 13 2.43 -3.28 8.66
CA ASP A 13 1.12 -3.69 9.27
C ASP A 13 0.66 -5.05 8.74
N GLY A 14 1.10 -5.42 7.56
CA GLY A 14 0.68 -6.74 6.98
C GLY A 14 -0.51 -6.53 6.04
N VAL A 15 -0.72 -5.32 5.58
CA VAL A 15 -1.87 -5.05 4.65
C VAL A 15 -1.44 -4.07 3.54
N PRO A 16 -1.30 -4.61 2.35
CA PRO A 16 -0.89 -3.78 1.19
C PRO A 16 -2.09 -2.96 0.67
N CYS A 17 -1.92 -2.24 -0.41
CA CYS A 17 -3.07 -1.45 -0.95
C CYS A 17 -4.17 -2.40 -1.45
N CYS A 18 -5.32 -1.87 -1.76
CA CYS A 18 -6.43 -2.76 -2.25
C CYS A 18 -6.00 -3.53 -3.52
N GLU A 19 -6.80 -4.47 -3.93
CA GLU A 19 -6.45 -5.30 -5.14
C GLU A 19 -6.21 -4.44 -6.39
N PRO A 20 -7.09 -3.50 -6.65
CA PRO A 20 -6.92 -2.64 -7.86
C PRO A 20 -5.74 -1.67 -7.70
N TYR A 21 -5.02 -1.71 -6.60
CA TYR A 21 -3.86 -0.78 -6.41
C TYR A 21 -2.62 -1.55 -5.94
N THR A 22 -1.46 -0.97 -6.13
CA THR A 22 -0.19 -1.65 -5.71
C THR A 22 0.74 -0.65 -5.01
N CYS A 23 1.63 -1.14 -4.17
CA CYS A 23 2.58 -0.23 -3.46
C CYS A 23 3.97 -0.31 -4.09
N THR A 24 4.67 0.80 -4.17
CA THR A 24 6.04 0.79 -4.76
C THR A 24 7.07 0.34 -3.70
N SER A 25 6.72 0.41 -2.44
CA SER A 25 7.68 -0.01 -1.37
C SER A 25 6.98 -0.92 -0.35
N ASP A 26 7.72 -1.48 0.57
CA ASP A 26 7.10 -2.37 1.59
C ASP A 26 6.92 -1.63 2.92
N TYR A 27 7.80 -0.70 3.22
CA TYR A 27 7.67 0.06 4.50
C TYR A 27 6.88 1.35 4.27
N TYR A 28 7.27 2.12 3.29
CA TYR A 28 6.54 3.38 2.98
C TYR A 28 6.39 3.54 1.46
N GLY A 29 5.32 3.02 0.91
CA GLY A 29 5.10 3.12 -0.56
C GLY A 29 3.75 3.78 -0.84
N ASN A 30 3.53 4.20 -2.05
CA ASN A 30 2.23 4.85 -2.41
C ASN A 30 1.53 4.07 -3.52
N CYS A 31 0.26 4.31 -3.70
CA CYS A 31 -0.51 3.59 -4.77
C CYS A 31 -1.20 4.60 -5.69
N SER A 32 -1.61 4.18 -6.86
CA SER A 32 -2.29 5.12 -7.82
C SER A 32 -2.84 4.35 -9.02
N CYS A 1 -7.59 -3.23 3.21
CA CYS A 1 -6.58 -2.69 2.24
C CYS A 1 -6.49 -1.17 2.34
N ILE A 2 -5.67 -0.56 1.53
CA ILE A 2 -5.54 0.93 1.54
C ILE A 2 -6.08 1.50 0.23
N PRO A 3 -6.68 2.66 0.30
CA PRO A 3 -7.23 3.31 -0.91
C PRO A 3 -6.10 3.78 -1.83
N LYS A 4 -6.34 3.81 -3.12
CA LYS A 4 -5.28 4.26 -4.07
C LYS A 4 -4.87 5.70 -3.77
N TRP A 5 -3.79 6.15 -4.35
CA TRP A 5 -3.30 7.54 -4.12
C TRP A 5 -3.07 7.82 -2.61
N ASN A 6 -2.82 6.78 -1.84
CA ASN A 6 -2.57 6.98 -0.38
C ASN A 6 -1.34 6.18 0.06
N ARG A 7 -0.75 6.53 1.17
CA ARG A 7 0.45 5.78 1.66
C ARG A 7 0.05 4.40 2.18
N CYS A 8 0.94 3.44 2.08
CA CYS A 8 0.62 2.06 2.56
C CYS A 8 1.87 1.40 3.17
N GLY A 9 1.69 0.33 3.89
CA GLY A 9 2.86 -0.37 4.50
C GLY A 9 2.47 -1.81 4.87
N PRO A 10 2.56 -2.68 3.88
CA PRO A 10 2.22 -4.11 4.09
C PRO A 10 3.27 -4.80 4.96
N LYS A 11 4.52 -4.40 4.86
CA LYS A 11 5.58 -5.02 5.71
C LYS A 11 5.52 -4.47 7.14
N MET A 12 4.71 -3.46 7.38
CA MET A 12 4.61 -2.89 8.75
C MET A 12 3.43 -3.51 9.52
N ASP A 13 2.31 -3.72 8.86
CA ASP A 13 1.13 -4.31 9.57
C ASP A 13 0.65 -5.61 8.87
N GLY A 14 0.86 -5.73 7.58
CA GLY A 14 0.43 -6.96 6.87
C GLY A 14 -0.74 -6.64 5.92
N VAL A 15 -0.92 -5.40 5.55
CA VAL A 15 -2.04 -5.04 4.64
C VAL A 15 -1.57 -4.03 3.58
N PRO A 16 -1.35 -4.52 2.38
CA PRO A 16 -0.91 -3.65 1.26
C PRO A 16 -2.09 -2.83 0.73
N CYS A 17 -1.91 -2.15 -0.39
CA CYS A 17 -3.04 -1.37 -0.98
C CYS A 17 -4.11 -2.35 -1.48
N CYS A 18 -5.29 -1.87 -1.76
CA CYS A 18 -6.37 -2.82 -2.24
C CYS A 18 -5.93 -3.57 -3.50
N GLU A 19 -6.60 -4.65 -3.81
CA GLU A 19 -6.23 -5.48 -5.02
C GLU A 19 -6.07 -4.63 -6.29
N PRO A 20 -7.01 -3.76 -6.56
CA PRO A 20 -6.91 -2.90 -7.78
C PRO A 20 -5.77 -1.87 -7.66
N TYR A 21 -5.05 -1.86 -6.56
CA TYR A 21 -3.93 -0.88 -6.41
C TYR A 21 -2.65 -1.58 -5.96
N THR A 22 -1.51 -0.96 -6.11
CA THR A 22 -0.22 -1.60 -5.69
C THR A 22 0.69 -0.58 -4.99
N CYS A 23 1.57 -1.03 -4.14
CA CYS A 23 2.49 -0.10 -3.43
C CYS A 23 3.87 -0.11 -4.09
N THR A 24 4.63 0.95 -3.93
CA THR A 24 6.00 1.01 -4.54
C THR A 24 7.01 0.34 -3.62
N SER A 25 6.87 0.51 -2.33
CA SER A 25 7.82 -0.11 -1.35
C SER A 25 7.07 -0.88 -0.27
N ASP A 26 7.77 -1.67 0.51
CA ASP A 26 7.11 -2.45 1.60
C ASP A 26 7.04 -1.61 2.89
N TYR A 27 8.04 -0.81 3.16
CA TYR A 27 8.02 0.02 4.40
C TYR A 27 7.13 1.26 4.18
N TYR A 28 7.46 2.07 3.22
CA TYR A 28 6.65 3.30 2.94
C TYR A 28 6.53 3.50 1.42
N GLY A 29 5.31 3.56 0.92
CA GLY A 29 5.11 3.78 -0.54
C GLY A 29 3.67 4.22 -0.81
N ASN A 30 3.41 4.77 -1.97
CA ASN A 30 2.03 5.24 -2.30
C ASN A 30 1.45 4.40 -3.46
N CYS A 31 0.16 4.46 -3.66
CA CYS A 31 -0.47 3.67 -4.76
C CYS A 31 -1.18 4.60 -5.76
N SER A 32 -1.76 4.05 -6.79
CA SER A 32 -2.49 4.89 -7.79
C SER A 32 -3.32 4.01 -8.73
N CYS A 1 -8.35 -3.30 2.76
CA CYS A 1 -7.13 -2.89 2.00
C CYS A 1 -6.83 -1.41 2.22
N ILE A 2 -5.94 -0.85 1.44
CA ILE A 2 -5.59 0.59 1.59
C ILE A 2 -6.17 1.40 0.42
N PRO A 3 -6.50 2.64 0.70
CA PRO A 3 -7.05 3.53 -0.35
C PRO A 3 -5.96 3.89 -1.37
N LYS A 4 -6.31 3.96 -2.63
CA LYS A 4 -5.29 4.30 -3.66
C LYS A 4 -4.71 5.70 -3.43
N TRP A 5 -3.56 5.96 -4.01
CA TRP A 5 -2.89 7.30 -3.85
C TRP A 5 -2.72 7.67 -2.36
N ASN A 6 -2.42 6.70 -1.53
CA ASN A 6 -2.22 6.99 -0.07
C ASN A 6 -1.00 6.21 0.45
N ARG A 7 -0.45 6.63 1.56
CA ARG A 7 0.74 5.93 2.12
C ARG A 7 0.35 4.54 2.62
N CYS A 8 1.01 3.51 2.12
CA CYS A 8 0.69 2.12 2.57
C CYS A 8 1.94 1.43 3.13
N GLY A 9 1.76 0.42 3.94
CA GLY A 9 2.92 -0.29 4.52
C GLY A 9 2.57 -1.77 4.73
N PRO A 10 2.80 -2.57 3.71
CA PRO A 10 2.49 -4.02 3.79
C PRO A 10 3.48 -4.72 4.75
N LYS A 11 4.74 -4.39 4.67
CA LYS A 11 5.74 -5.02 5.58
C LYS A 11 5.61 -4.42 6.99
N MET A 12 4.88 -3.33 7.14
CA MET A 12 4.71 -2.69 8.47
C MET A 12 3.42 -3.16 9.14
N ASP A 13 2.34 -3.33 8.39
CA ASP A 13 1.05 -3.78 9.02
C ASP A 13 0.58 -5.10 8.41
N GLY A 14 0.85 -5.32 7.14
CA GLY A 14 0.41 -6.57 6.48
C GLY A 14 -0.76 -6.27 5.53
N VAL A 15 -1.09 -5.01 5.32
CA VAL A 15 -2.22 -4.68 4.40
C VAL A 15 -1.73 -3.74 3.29
N PRO A 16 -1.50 -4.30 2.13
CA PRO A 16 -1.01 -3.52 0.96
C PRO A 16 -2.16 -2.67 0.38
N CYS A 17 -1.94 -2.05 -0.75
CA CYS A 17 -3.04 -1.26 -1.37
C CYS A 17 -4.12 -2.24 -1.84
N CYS A 18 -5.34 -1.78 -2.04
CA CYS A 18 -6.43 -2.70 -2.50
C CYS A 18 -5.99 -3.49 -3.74
N GLU A 19 -6.69 -4.56 -4.05
CA GLU A 19 -6.31 -5.41 -5.24
C GLU A 19 -6.16 -4.59 -6.53
N PRO A 20 -7.06 -3.67 -6.77
CA PRO A 20 -6.91 -2.82 -7.98
C PRO A 20 -5.73 -1.84 -7.79
N TYR A 21 -4.88 -2.05 -6.80
CA TYR A 21 -3.72 -1.13 -6.58
C TYR A 21 -2.52 -1.90 -6.00
N THR A 22 -1.39 -1.25 -5.87
CA THR A 22 -0.18 -1.93 -5.31
C THR A 22 0.70 -0.93 -4.56
N CYS A 23 1.51 -1.40 -3.64
CA CYS A 23 2.41 -0.48 -2.86
C CYS A 23 3.72 -0.27 -3.61
N THR A 24 4.18 0.95 -3.69
CA THR A 24 5.47 1.22 -4.40
C THR A 24 6.64 0.65 -3.59
N SER A 25 6.51 0.61 -2.28
CA SER A 25 7.60 0.06 -1.43
C SER A 25 7.01 -0.88 -0.37
N ASP A 26 7.84 -1.44 0.48
CA ASP A 26 7.33 -2.37 1.53
C ASP A 26 7.08 -1.62 2.85
N TYR A 27 7.78 -0.52 3.07
CA TYR A 27 7.58 0.24 4.33
C TYR A 27 6.80 1.54 4.06
N TYR A 28 7.34 2.41 3.25
CA TYR A 28 6.65 3.69 2.93
C TYR A 28 6.44 3.81 1.42
N GLY A 29 5.32 3.35 0.93
CA GLY A 29 5.06 3.43 -0.54
C GLY A 29 3.66 4.01 -0.78
N ASN A 30 3.38 4.38 -2.00
CA ASN A 30 2.03 4.97 -2.33
C ASN A 30 1.26 4.03 -3.25
N CYS A 31 -0.05 4.12 -3.23
CA CYS A 31 -0.88 3.24 -4.12
C CYS A 31 -1.27 4.00 -5.39
N SER A 32 -1.59 3.30 -6.45
CA SER A 32 -2.01 3.98 -7.72
C SER A 32 -2.22 2.94 -8.83
N CYS A 1 -7.91 -3.25 3.13
CA CYS A 1 -6.86 -2.77 2.17
C CYS A 1 -6.67 -1.26 2.28
N ILE A 2 -5.73 -0.72 1.55
CA ILE A 2 -5.48 0.74 1.58
C ILE A 2 -6.07 1.40 0.33
N PRO A 3 -6.59 2.59 0.49
CA PRO A 3 -7.19 3.31 -0.66
C PRO A 3 -6.08 3.78 -1.62
N LYS A 4 -6.35 3.77 -2.90
CA LYS A 4 -5.32 4.21 -3.89
C LYS A 4 -4.84 5.64 -3.60
N TRP A 5 -3.73 6.03 -4.16
CA TRP A 5 -3.19 7.41 -3.93
C TRP A 5 -2.97 7.68 -2.43
N ASN A 6 -2.71 6.66 -1.66
CA ASN A 6 -2.49 6.86 -0.19
C ASN A 6 -1.26 6.08 0.28
N ARG A 7 -0.70 6.47 1.40
CA ARG A 7 0.50 5.75 1.92
C ARG A 7 0.19 4.26 2.17
N CYS A 8 1.14 3.40 1.92
CA CYS A 8 0.90 1.93 2.13
C CYS A 8 2.14 1.27 2.76
N GLY A 9 1.93 0.30 3.61
CA GLY A 9 3.10 -0.39 4.26
C GLY A 9 2.68 -1.79 4.70
N PRO A 10 2.78 -2.73 3.78
CA PRO A 10 2.41 -4.14 4.08
C PRO A 10 3.46 -4.82 4.98
N LYS A 11 4.66 -4.29 5.04
CA LYS A 11 5.72 -4.91 5.91
C LYS A 11 5.53 -4.49 7.37
N MET A 12 4.78 -3.44 7.62
CA MET A 12 4.57 -2.99 9.03
C MET A 12 3.14 -3.30 9.51
N ASP A 13 2.16 -3.22 8.63
CA ASP A 13 0.76 -3.51 9.04
C ASP A 13 0.29 -4.86 8.47
N GLY A 14 1.02 -5.41 7.54
CA GLY A 14 0.60 -6.73 6.93
C GLY A 14 -0.59 -6.51 5.99
N VAL A 15 -0.83 -5.29 5.56
CA VAL A 15 -1.97 -5.04 4.64
C VAL A 15 -1.53 -4.22 3.43
N PRO A 16 -1.54 -4.84 2.28
CA PRO A 16 -1.15 -4.16 1.02
C PRO A 16 -2.30 -3.27 0.53
N CYS A 17 -2.10 -2.55 -0.54
CA CYS A 17 -3.21 -1.69 -1.08
C CYS A 17 -4.31 -2.60 -1.64
N CYS A 18 -5.48 -2.06 -1.90
CA CYS A 18 -6.59 -2.93 -2.43
C CYS A 18 -6.15 -3.63 -3.74
N GLU A 19 -6.89 -4.63 -4.15
CA GLU A 19 -6.53 -5.40 -5.39
C GLU A 19 -6.25 -4.48 -6.60
N PRO A 20 -7.16 -3.56 -6.87
CA PRO A 20 -6.96 -2.64 -8.02
C PRO A 20 -5.79 -1.66 -7.77
N TYR A 21 -5.12 -1.77 -6.63
CA TYR A 21 -3.98 -0.84 -6.34
C TYR A 21 -2.77 -1.63 -5.82
N THR A 22 -1.61 -1.02 -5.80
CA THR A 22 -0.39 -1.73 -5.29
C THR A 22 0.55 -0.73 -4.63
N CYS A 23 1.38 -1.19 -3.73
CA CYS A 23 2.33 -0.25 -3.03
C CYS A 23 3.70 -0.30 -3.70
N THR A 24 4.23 0.86 -4.04
CA THR A 24 5.58 0.91 -4.70
C THR A 24 6.65 0.31 -3.79
N SER A 25 6.61 0.65 -2.53
CA SER A 25 7.63 0.11 -1.58
C SER A 25 6.96 -0.82 -0.54
N ASP A 26 7.72 -1.33 0.38
CA ASP A 26 7.14 -2.24 1.42
C ASP A 26 7.09 -1.54 2.78
N TYR A 27 8.03 -0.67 3.05
CA TYR A 27 8.04 0.06 4.36
C TYR A 27 7.28 1.37 4.23
N TYR A 28 7.58 2.15 3.22
CA TYR A 28 6.87 3.45 3.02
C TYR A 28 6.73 3.74 1.52
N GLY A 29 5.55 4.08 1.08
CA GLY A 29 5.33 4.37 -0.37
C GLY A 29 3.87 4.76 -0.61
N ASN A 30 3.45 4.77 -1.85
CA ASN A 30 2.02 5.14 -2.16
C ASN A 30 1.48 4.29 -3.32
N CYS A 31 0.19 4.20 -3.45
CA CYS A 31 -0.41 3.40 -4.56
C CYS A 31 -1.02 4.34 -5.62
N SER A 32 -1.20 3.85 -6.82
CA SER A 32 -1.78 4.72 -7.90
C SER A 32 -2.16 3.86 -9.12
N CYS A 1 -8.22 -3.29 2.75
CA CYS A 1 -7.01 -2.89 1.96
C CYS A 1 -6.78 -1.38 2.06
N ILE A 2 -5.77 -0.88 1.38
CA ILE A 2 -5.47 0.58 1.44
C ILE A 2 -6.02 1.29 0.19
N PRO A 3 -6.50 2.49 0.41
CA PRO A 3 -7.05 3.30 -0.71
C PRO A 3 -5.93 3.77 -1.64
N LYS A 4 -6.21 3.88 -2.92
CA LYS A 4 -5.15 4.32 -3.88
C LYS A 4 -4.66 5.74 -3.54
N TRP A 5 -3.49 6.09 -4.02
CA TRP A 5 -2.92 7.45 -3.76
C TRP A 5 -2.88 7.79 -2.26
N ASN A 6 -2.62 6.80 -1.43
CA ASN A 6 -2.55 7.05 0.05
C ASN A 6 -1.34 6.30 0.64
N ARG A 7 -0.91 6.68 1.82
CA ARG A 7 0.27 6.00 2.45
C ARG A 7 0.12 4.47 2.42
N CYS A 8 1.18 3.77 2.11
CA CYS A 8 1.10 2.28 2.06
C CYS A 8 2.19 1.66 2.95
N GLY A 9 1.98 0.44 3.38
CA GLY A 9 3.00 -0.23 4.26
C GLY A 9 2.55 -1.65 4.58
N PRO A 10 2.67 -2.54 3.61
CA PRO A 10 2.26 -3.96 3.82
C PRO A 10 3.25 -4.67 4.75
N LYS A 11 4.50 -4.30 4.73
CA LYS A 11 5.51 -4.96 5.62
C LYS A 11 5.41 -4.40 7.05
N MET A 12 4.69 -3.31 7.23
CA MET A 12 4.57 -2.71 8.60
C MET A 12 3.21 -3.07 9.23
N ASP A 13 2.17 -3.16 8.43
CA ASP A 13 0.82 -3.50 8.99
C ASP A 13 0.33 -4.87 8.49
N GLY A 14 0.85 -5.34 7.39
CA GLY A 14 0.41 -6.66 6.85
C GLY A 14 -0.75 -6.46 5.85
N VAL A 15 -0.99 -5.24 5.43
CA VAL A 15 -2.10 -4.98 4.46
C VAL A 15 -1.61 -4.06 3.33
N PRO A 16 -1.47 -4.63 2.16
CA PRO A 16 -1.00 -3.86 0.98
C PRO A 16 -2.14 -2.98 0.41
N CYS A 17 -1.92 -2.37 -0.72
CA CYS A 17 -2.99 -1.52 -1.34
C CYS A 17 -4.14 -2.43 -1.78
N CYS A 18 -5.32 -1.87 -2.02
CA CYS A 18 -6.46 -2.73 -2.45
C CYS A 18 -6.11 -3.55 -3.69
N GLU A 19 -6.88 -4.57 -3.99
CA GLU A 19 -6.57 -5.45 -5.17
C GLU A 19 -6.38 -4.65 -6.47
N PRO A 20 -7.25 -3.70 -6.74
CA PRO A 20 -7.12 -2.90 -7.98
C PRO A 20 -5.89 -1.96 -7.92
N TYR A 21 -5.12 -2.00 -6.86
CA TYR A 21 -3.91 -1.12 -6.77
C TYR A 21 -2.71 -1.91 -6.24
N THR A 22 -1.54 -1.32 -6.24
CA THR A 22 -0.34 -2.03 -5.73
C THR A 22 0.55 -1.09 -4.91
N CYS A 23 1.35 -1.63 -4.02
CA CYS A 23 2.24 -0.78 -3.18
C CYS A 23 3.60 -0.60 -3.88
N THR A 24 4.00 0.63 -4.13
CA THR A 24 5.31 0.87 -4.80
C THR A 24 6.47 0.43 -3.90
N SER A 25 6.35 0.65 -2.61
CA SER A 25 7.43 0.24 -1.67
C SER A 25 6.89 -0.78 -0.65
N ASP A 26 7.56 -0.94 0.46
CA ASP A 26 7.09 -1.91 1.50
C ASP A 26 6.94 -1.23 2.85
N TYR A 27 7.92 -0.45 3.25
CA TYR A 27 7.83 0.26 4.56
C TYR A 27 7.48 1.74 4.35
N TYR A 28 7.90 2.31 3.26
CA TYR A 28 7.59 3.75 2.98
C TYR A 28 7.24 3.95 1.50
N GLY A 29 6.00 3.79 1.15
CA GLY A 29 5.59 3.96 -0.27
C GLY A 29 4.13 4.40 -0.36
N ASN A 30 3.53 4.32 -1.52
CA ASN A 30 2.11 4.73 -1.68
C ASN A 30 1.42 3.87 -2.74
N CYS A 31 0.11 3.96 -2.82
CA CYS A 31 -0.63 3.14 -3.84
C CYS A 31 -1.04 4.03 -5.03
N SER A 32 -1.44 3.43 -6.13
CA SER A 32 -1.85 4.22 -7.32
C SER A 32 -2.50 3.31 -8.38
N CYS A 1 -7.93 -3.37 2.90
CA CYS A 1 -6.84 -2.88 2.00
C CYS A 1 -6.60 -1.38 2.19
N ILE A 2 -5.66 -0.83 1.47
CA ILE A 2 -5.38 0.63 1.59
C ILE A 2 -5.95 1.37 0.37
N PRO A 3 -6.48 2.55 0.62
CA PRO A 3 -7.07 3.36 -0.48
C PRO A 3 -5.97 3.89 -1.40
N LYS A 4 -6.21 3.92 -2.69
CA LYS A 4 -5.19 4.44 -3.64
C LYS A 4 -4.81 5.89 -3.30
N TRP A 5 -3.69 6.36 -3.79
CA TRP A 5 -3.25 7.76 -3.54
C TRP A 5 -3.12 8.05 -2.03
N ASN A 6 -2.77 7.06 -1.25
CA ASN A 6 -2.62 7.25 0.22
C ASN A 6 -1.33 6.59 0.71
N ARG A 7 -1.18 6.46 2.01
CA ARG A 7 0.05 5.80 2.56
C ARG A 7 -0.08 4.28 2.47
N CYS A 8 0.90 3.62 1.93
CA CYS A 8 0.83 2.13 1.82
C CYS A 8 2.04 1.50 2.54
N GLY A 9 1.92 0.25 2.94
CA GLY A 9 3.03 -0.43 3.65
C GLY A 9 2.55 -1.76 4.22
N PRO A 10 2.55 -2.77 3.38
CA PRO A 10 2.09 -4.12 3.80
C PRO A 10 3.11 -4.79 4.74
N LYS A 11 4.36 -4.37 4.68
CA LYS A 11 5.39 -4.98 5.57
C LYS A 11 5.34 -4.34 6.97
N MET A 12 4.82 -3.14 7.08
CA MET A 12 4.73 -2.45 8.40
C MET A 12 3.40 -2.75 9.11
N ASP A 13 2.34 -2.97 8.36
CA ASP A 13 1.02 -3.24 9.02
C ASP A 13 0.51 -4.64 8.66
N GLY A 14 0.92 -5.18 7.53
CA GLY A 14 0.44 -6.53 7.12
C GLY A 14 -0.66 -6.41 6.07
N VAL A 15 -1.02 -5.21 5.68
CA VAL A 15 -2.09 -5.03 4.65
C VAL A 15 -1.55 -4.24 3.45
N PRO A 16 -1.60 -4.86 2.30
CA PRO A 16 -1.12 -4.22 1.05
C PRO A 16 -2.21 -3.29 0.48
N CYS A 17 -1.91 -2.58 -0.57
CA CYS A 17 -2.94 -1.68 -1.19
C CYS A 17 -4.08 -2.56 -1.72
N CYS A 18 -5.23 -1.98 -1.99
CA CYS A 18 -6.38 -2.80 -2.51
C CYS A 18 -5.97 -3.59 -3.76
N GLU A 19 -6.67 -4.67 -4.03
CA GLU A 19 -6.33 -5.52 -5.22
C GLU A 19 -6.25 -4.71 -6.54
N PRO A 20 -7.18 -3.82 -6.77
CA PRO A 20 -7.16 -3.00 -8.01
C PRO A 20 -5.96 -2.04 -8.03
N TYR A 21 -5.14 -2.03 -7.00
CA TYR A 21 -3.95 -1.12 -6.97
C TYR A 21 -2.72 -1.89 -6.43
N THR A 22 -1.55 -1.30 -6.54
CA THR A 22 -0.33 -1.99 -6.04
C THR A 22 0.51 -1.06 -5.17
N CYS A 23 1.30 -1.61 -4.28
CA CYS A 23 2.15 -0.75 -3.40
C CYS A 23 3.53 -0.55 -4.05
N THR A 24 4.21 0.52 -3.71
CA THR A 24 5.55 0.78 -4.31
C THR A 24 6.66 0.21 -3.42
N SER A 25 6.56 0.42 -2.14
CA SER A 25 7.61 -0.09 -1.21
C SER A 25 6.98 -0.90 -0.06
N ASP A 26 7.79 -1.43 0.82
CA ASP A 26 7.25 -2.24 1.95
C ASP A 26 7.06 -1.36 3.19
N TYR A 27 7.99 -0.47 3.45
CA TYR A 27 7.87 0.42 4.65
C TYR A 27 7.20 1.74 4.26
N TYR A 28 7.81 2.49 3.36
CA TYR A 28 7.22 3.79 2.93
C TYR A 28 6.97 3.77 1.42
N GLY A 29 5.77 3.44 1.02
CA GLY A 29 5.46 3.40 -0.44
C GLY A 29 4.06 3.98 -0.67
N ASN A 30 3.78 4.40 -1.89
CA ASN A 30 2.45 4.99 -2.19
C ASN A 30 1.66 4.07 -3.13
N CYS A 31 0.44 4.42 -3.43
CA CYS A 31 -0.40 3.58 -4.32
C CYS A 31 -1.13 4.47 -5.34
N SER A 32 -1.42 3.95 -6.51
CA SER A 32 -2.12 4.77 -7.55
C SER A 32 -2.67 3.86 -8.66
N CYS A 1 -8.17 -3.20 2.86
CA CYS A 1 -7.04 -2.80 1.96
C CYS A 1 -6.83 -1.28 2.02
N ILE A 2 -5.76 -0.80 1.42
CA ILE A 2 -5.49 0.66 1.42
C ILE A 2 -5.99 1.31 0.13
N PRO A 3 -6.56 2.48 0.28
CA PRO A 3 -7.09 3.22 -0.89
C PRO A 3 -5.93 3.72 -1.77
N LYS A 4 -6.14 3.77 -3.06
CA LYS A 4 -5.06 4.23 -3.97
C LYS A 4 -4.65 5.68 -3.66
N TRP A 5 -3.46 6.06 -4.05
CA TRP A 5 -2.96 7.45 -3.81
C TRP A 5 -2.97 7.83 -2.32
N ASN A 6 -2.70 6.88 -1.46
CA ASN A 6 -2.67 7.17 0.01
C ASN A 6 -1.43 6.51 0.63
N ARG A 7 -1.25 6.68 1.91
CA ARG A 7 -0.06 6.07 2.58
C ARG A 7 -0.17 4.54 2.55
N CYS A 8 0.88 3.86 2.16
CA CYS A 8 0.85 2.38 2.11
C CYS A 8 2.11 1.78 2.75
N GLY A 9 2.03 0.55 3.19
CA GLY A 9 3.21 -0.11 3.83
C GLY A 9 2.83 -1.52 4.27
N PRO A 10 3.01 -2.47 3.37
CA PRO A 10 2.67 -3.89 3.67
C PRO A 10 3.64 -4.47 4.72
N LYS A 11 4.86 -4.01 4.75
CA LYS A 11 5.83 -4.53 5.77
C LYS A 11 5.57 -3.88 7.14
N MET A 12 4.78 -2.84 7.18
CA MET A 12 4.47 -2.16 8.49
C MET A 12 3.13 -2.64 9.06
N ASP A 13 2.14 -2.84 8.22
CA ASP A 13 0.80 -3.28 8.74
C ASP A 13 0.48 -4.71 8.29
N GLY A 14 1.10 -5.17 7.23
CA GLY A 14 0.82 -6.55 6.73
C GLY A 14 -0.38 -6.51 5.77
N VAL A 15 -0.72 -5.34 5.26
CA VAL A 15 -1.88 -5.24 4.32
C VAL A 15 -1.47 -4.46 3.07
N PRO A 16 -1.55 -5.13 1.95
CA PRO A 16 -1.19 -4.50 0.65
C PRO A 16 -2.31 -3.55 0.21
N CYS A 17 -2.09 -2.80 -0.84
CA CYS A 17 -3.15 -1.87 -1.32
C CYS A 17 -4.36 -2.68 -1.81
N CYS A 18 -5.49 -2.04 -2.00
CA CYS A 18 -6.71 -2.77 -2.46
C CYS A 18 -6.42 -3.62 -3.71
N GLU A 19 -7.25 -4.58 -3.99
CA GLU A 19 -7.04 -5.49 -5.16
C GLU A 19 -6.77 -4.73 -6.47
N PRO A 20 -7.59 -3.75 -6.77
CA PRO A 20 -7.41 -2.96 -8.02
C PRO A 20 -6.16 -2.05 -7.94
N TYR A 21 -5.37 -2.15 -6.88
CA TYR A 21 -4.16 -1.28 -6.78
C TYR A 21 -3.00 -2.07 -6.15
N THR A 22 -1.85 -1.44 -6.03
CA THR A 22 -0.67 -2.15 -5.43
C THR A 22 0.26 -1.13 -4.72
N CYS A 23 1.10 -1.60 -3.84
CA CYS A 23 2.02 -0.68 -3.12
C CYS A 23 3.33 -0.52 -3.88
N THR A 24 4.04 0.56 -3.66
CA THR A 24 5.34 0.76 -4.37
C THR A 24 6.49 0.21 -3.52
N SER A 25 6.53 0.56 -2.27
CA SER A 25 7.62 0.06 -1.38
C SER A 25 7.05 -0.87 -0.29
N ASP A 26 7.89 -1.43 0.54
CA ASP A 26 7.42 -2.36 1.60
C ASP A 26 7.20 -1.60 2.92
N TYR A 27 8.18 -0.83 3.33
CA TYR A 27 8.04 -0.08 4.62
C TYR A 27 7.25 1.22 4.39
N TYR A 28 7.76 2.10 3.57
CA TYR A 28 7.05 3.38 3.30
C TYR A 28 6.92 3.61 1.79
N GLY A 29 5.72 3.51 1.27
CA GLY A 29 5.51 3.71 -0.20
C GLY A 29 4.16 4.38 -0.45
N ASN A 30 3.90 4.76 -1.67
CA ASN A 30 2.59 5.42 -1.98
C ASN A 30 1.84 4.61 -3.04
N CYS A 31 0.62 4.25 -2.78
CA CYS A 31 -0.17 3.46 -3.77
C CYS A 31 -0.69 4.39 -4.87
N SER A 32 -0.99 3.85 -6.03
CA SER A 32 -1.52 4.69 -7.15
C SER A 32 -1.96 3.81 -8.33
#